data_1USC
#
_entry.id   1USC
#
_cell.length_a   70.321
_cell.length_b   77.571
_cell.length_c   63.860
_cell.angle_alpha   90.00
_cell.angle_beta   90.00
_cell.angle_gamma   90.00
#
_symmetry.space_group_name_H-M   'P 21 21 2'
#
loop_
_entity.id
_entity.type
_entity.pdbx_description
1 polymer 'PUTATIVE STYRENE MONOOXYGENASE SMALL COMPONENT'
2 non-polymer 'FLAVIN MONONUCLEOTIDE'
3 non-polymer 'ACETATE ION'
4 water water
#
_entity_poly.entity_id   1
_entity_poly.type   'polypeptide(L)'
_entity_poly.pdbx_seq_one_letter_code
;MRSYRAQGPLPGFYHYYPGVPAVVGVRVEERVNFCPAVWNTGLSADPPLFGVSISPKRFTHGLLLKARRFSASFHPFGQK
DLVHWLGSHSGREVDKGQAPHFLGHTGVPILEGAYAAYELELLEVHTFGDHDLFVGRVVAVWEEEGLLDEKGRPKPGLAL
LYYGKGLYGRPAEETFAP
;
_entity_poly.pdbx_strand_id   A,B
#
loop_
_chem_comp.id
_chem_comp.type
_chem_comp.name
_chem_comp.formula
ACT non-polymer 'ACETATE ION' 'C2 H3 O2 -1'
FMN non-polymer 'FLAVIN MONONUCLEOTIDE' 'C17 H21 N4 O9 P'
#
# COMPACT_ATOMS: atom_id res chain seq x y z
N MET A 1 23.68 -11.78 -2.31
CA MET A 1 22.42 -11.37 -1.63
C MET A 1 22.15 -12.28 -0.43
N ARG A 2 22.22 -11.72 0.77
CA ARG A 2 22.00 -12.46 2.00
C ARG A 2 20.60 -13.04 2.06
N SER A 3 20.46 -14.21 2.69
CA SER A 3 19.16 -14.82 2.85
C SER A 3 19.11 -15.61 4.15
N TYR A 4 17.90 -15.77 4.66
CA TYR A 4 17.68 -16.53 5.88
C TYR A 4 16.25 -17.03 5.87
N ARG A 5 16.02 -18.16 6.52
CA ARG A 5 14.68 -18.73 6.59
C ARG A 5 13.93 -18.08 7.74
N ALA A 6 12.66 -17.78 7.52
CA ALA A 6 11.84 -17.16 8.56
C ALA A 6 11.70 -18.17 9.69
N GLN A 7 11.85 -17.69 10.93
CA GLN A 7 11.76 -18.53 12.11
C GLN A 7 10.72 -17.96 13.07
N GLY A 8 9.98 -16.99 12.58
CA GLY A 8 8.96 -16.32 13.36
C GLY A 8 8.89 -14.90 12.84
N PRO A 9 8.48 -13.92 13.66
CA PRO A 9 8.42 -12.54 13.16
C PRO A 9 9.80 -12.12 12.69
N LEU A 10 9.86 -11.28 11.66
CA LEU A 10 11.14 -10.82 11.16
C LEU A 10 11.75 -9.78 12.09
N PRO A 11 13.09 -9.68 12.12
CA PRO A 11 13.76 -8.71 12.99
C PRO A 11 13.23 -7.31 12.68
N GLY A 12 12.96 -7.09 11.39
CA GLY A 12 12.44 -5.85 10.89
C GLY A 12 11.58 -6.21 9.71
N PHE A 13 10.30 -5.85 9.74
CA PHE A 13 9.37 -6.18 8.66
C PHE A 13 9.08 -4.90 7.86
N TYR A 14 10.13 -4.35 7.26
CA TYR A 14 10.00 -3.09 6.51
C TYR A 14 10.56 -3.12 5.09
N HIS A 15 10.80 -4.30 4.55
CA HIS A 15 11.38 -4.40 3.21
C HIS A 15 10.54 -3.80 2.10
N TYR A 16 9.24 -3.75 2.32
CA TYR A 16 8.31 -3.23 1.32
C TYR A 16 7.92 -1.76 1.52
N TYR A 17 8.59 -1.09 2.45
CA TYR A 17 8.32 0.32 2.71
C TYR A 17 9.19 1.13 1.74
N PRO A 18 8.92 2.43 1.59
CA PRO A 18 7.88 3.25 2.23
C PRO A 18 6.48 3.08 1.65
N GLY A 19 5.51 3.61 2.38
CA GLY A 19 4.14 3.57 1.94
C GLY A 19 3.43 4.81 2.44
N VAL A 20 2.35 5.19 1.74
CA VAL A 20 1.57 6.34 2.16
C VAL A 20 0.67 5.85 3.30
N PRO A 21 0.65 6.58 4.42
CA PRO A 21 -0.21 6.16 5.53
C PRO A 21 -1.62 6.71 5.33
N ALA A 22 -2.61 5.85 5.50
CA ALA A 22 -4.00 6.27 5.38
C ALA A 22 -4.47 6.64 6.77
N VAL A 23 -4.95 7.87 6.94
CA VAL A 23 -5.45 8.25 8.25
C VAL A 23 -6.89 7.77 8.34
N VAL A 24 -7.12 6.86 9.27
CA VAL A 24 -8.43 6.28 9.47
C VAL A 24 -9.21 7.06 10.51
N GLY A 25 -10.32 7.65 10.07
CA GLY A 25 -11.16 8.41 10.98
C GLY A 25 -12.44 7.64 11.26
N VAL A 26 -12.82 7.60 12.53
CA VAL A 26 -14.03 6.87 12.90
C VAL A 26 -14.76 7.64 14.00
N ARG A 27 -16.09 7.61 13.94
CA ARG A 27 -16.92 8.29 14.93
C ARG A 27 -17.99 7.35 15.47
N VAL A 28 -18.10 7.32 16.80
CA VAL A 28 -19.12 6.53 17.48
C VAL A 28 -19.83 7.55 18.35
N GLU A 29 -21.05 7.90 17.94
CA GLU A 29 -21.84 8.91 18.61
C GLU A 29 -21.06 10.22 18.60
N GLU A 30 -20.72 10.78 19.76
CA GLU A 30 -19.97 12.04 19.75
C GLU A 30 -18.46 11.86 19.65
N ARG A 31 -17.97 10.67 19.96
CA ARG A 31 -16.54 10.40 19.97
C ARG A 31 -15.89 10.19 18.60
N VAL A 32 -14.84 10.96 18.35
CA VAL A 32 -14.09 10.88 17.10
C VAL A 32 -12.66 10.45 17.39
N ASN A 33 -12.12 9.56 16.55
CA ASN A 33 -10.75 9.09 16.71
C ASN A 33 -10.10 9.00 15.34
N PHE A 34 -8.77 9.15 15.32
CA PHE A 34 -7.99 9.05 14.09
C PHE A 34 -6.75 8.25 14.39
N CYS A 35 -6.32 7.43 13.42
N CYS A 35 -6.29 7.51 13.40
CA CYS A 35 -5.14 6.59 13.58
CA CYS A 35 -5.06 6.78 13.57
C CYS A 35 -4.55 6.22 12.22
C CYS A 35 -4.57 6.40 12.19
N PRO A 36 -3.27 6.58 11.96
CA PRO A 36 -2.67 6.26 10.67
C PRO A 36 -2.49 4.76 10.52
N ALA A 37 -2.61 4.32 9.28
CA ALA A 37 -2.43 2.93 8.94
C ALA A 37 -1.60 2.84 7.67
N VAL A 38 -0.33 2.42 7.79
CA VAL A 38 0.52 2.31 6.60
C VAL A 38 0.20 0.99 5.89
N TRP A 39 -0.45 0.07 6.60
CA TRP A 39 -0.84 -1.18 5.96
C TRP A 39 -2.23 -0.93 5.36
N ASN A 40 -2.22 -0.42 4.14
CA ASN A 40 -3.46 -0.12 3.43
C ASN A 40 -3.20 -0.40 1.96
N THR A 41 -4.28 -0.62 1.21
CA THR A 41 -4.13 -0.92 -0.20
C THR A 41 -5.49 -0.92 -0.89
N GLY A 42 -5.45 -0.70 -2.20
CA GLY A 42 -6.66 -0.76 -2.98
C GLY A 42 -6.95 -2.25 -3.06
N LEU A 43 -8.22 -2.61 -3.22
CA LEU A 43 -8.59 -4.02 -3.29
C LEU A 43 -9.48 -4.34 -4.48
N SER A 44 -10.14 -3.32 -5.03
CA SER A 44 -11.02 -3.51 -6.17
C SER A 44 -11.31 -2.16 -6.81
N ALA A 45 -11.43 -2.14 -8.13
CA ALA A 45 -11.73 -0.89 -8.83
C ALA A 45 -13.23 -0.80 -9.08
N ASP A 46 -13.83 -1.92 -9.47
CA ASP A 46 -15.28 -1.97 -9.74
C ASP A 46 -15.88 -3.17 -9.02
N PRO A 47 -16.51 -2.95 -7.85
CA PRO A 47 -16.67 -1.66 -7.15
C PRO A 47 -15.39 -1.17 -6.48
N PRO A 48 -15.33 0.11 -6.15
CA PRO A 48 -14.12 0.63 -5.50
C PRO A 48 -14.04 0.18 -4.05
N LEU A 49 -13.05 -0.67 -3.76
CA LEU A 49 -12.85 -1.17 -2.41
C LEU A 49 -11.45 -0.83 -1.95
N PHE A 50 -11.32 -0.44 -0.70
CA PHE A 50 -10.05 -0.03 -0.11
C PHE A 50 -9.93 -0.69 1.26
N GLY A 51 -8.76 -1.21 1.58
CA GLY A 51 -8.60 -1.87 2.86
C GLY A 51 -7.51 -1.30 3.76
N VAL A 52 -7.73 -1.41 5.07
CA VAL A 52 -6.76 -0.98 6.07
C VAL A 52 -6.63 -2.13 7.06
N SER A 53 -5.38 -2.44 7.43
CA SER A 53 -5.09 -3.53 8.37
C SER A 53 -4.82 -2.94 9.74
N ILE A 54 -5.72 -3.21 10.69
CA ILE A 54 -5.64 -2.66 12.03
C ILE A 54 -5.50 -3.72 13.12
N SER A 55 -4.56 -3.50 14.03
CA SER A 55 -4.34 -4.42 15.13
C SER A 55 -5.49 -4.35 16.14
N PRO A 56 -5.89 -5.50 16.71
CA PRO A 56 -6.97 -5.50 17.69
C PRO A 56 -6.57 -4.71 18.94
N LYS A 57 -5.29 -4.36 19.03
CA LYS A 57 -4.77 -3.60 20.17
C LYS A 57 -5.09 -2.12 20.06
N ARG A 58 -5.45 -1.66 18.87
CA ARG A 58 -5.75 -0.24 18.69
C ARG A 58 -7.18 0.08 19.14
N PHE A 59 -7.34 1.25 19.74
CA PHE A 59 -8.66 1.70 20.19
C PHE A 59 -9.56 1.77 18.95
N THR A 60 -8.97 2.14 17.82
CA THR A 60 -9.69 2.26 16.57
C THR A 60 -10.36 0.96 16.12
N HIS A 61 -9.75 -0.17 16.43
CA HIS A 61 -10.29 -1.47 16.04
C HIS A 61 -11.73 -1.62 16.53
N GLY A 62 -11.94 -1.40 17.82
CA GLY A 62 -13.28 -1.53 18.38
C GLY A 62 -14.26 -0.51 17.83
N LEU A 63 -13.78 0.71 17.59
CA LEU A 63 -14.64 1.77 17.05
C LEU A 63 -15.13 1.41 15.65
N LEU A 64 -14.25 0.83 14.84
CA LEU A 64 -14.61 0.44 13.47
C LEU A 64 -15.72 -0.62 13.50
N LEU A 65 -15.60 -1.57 14.41
CA LEU A 65 -16.60 -2.63 14.50
C LEU A 65 -17.95 -2.07 14.95
N LYS A 66 -17.92 -1.03 15.77
CA LYS A 66 -19.15 -0.41 16.24
C LYS A 66 -19.80 0.48 15.18
N ALA A 67 -19.00 1.35 14.57
CA ALA A 67 -19.49 2.29 13.57
C ALA A 67 -19.82 1.68 12.20
N ARG A 68 -19.01 0.73 11.76
CA ARG A 68 -19.20 0.08 10.47
C ARG A 68 -19.05 1.09 9.32
N ARG A 69 -18.45 2.24 9.63
CA ARG A 69 -18.22 3.30 8.65
C ARG A 69 -16.96 4.02 9.08
N PHE A 70 -16.17 4.50 8.13
CA PHE A 70 -14.96 5.21 8.46
C PHE A 70 -14.43 6.00 7.28
N SER A 71 -13.45 6.85 7.54
CA SER A 71 -12.83 7.62 6.48
C SER A 71 -11.38 7.16 6.37
N ALA A 72 -10.79 7.43 5.22
CA ALA A 72 -9.38 7.15 4.96
C ALA A 72 -8.92 8.41 4.25
N SER A 73 -8.08 9.20 4.92
CA SER A 73 -7.60 10.44 4.33
C SER A 73 -6.10 10.40 4.09
N PHE A 74 -5.67 11.14 3.07
CA PHE A 74 -4.29 11.18 2.65
C PHE A 74 -3.80 12.61 2.76
N HIS A 75 -2.72 12.77 3.52
CA HIS A 75 -2.19 14.08 3.85
C HIS A 75 -0.85 14.49 3.30
N PRO A 76 -0.65 15.81 3.10
CA PRO A 76 0.60 16.34 2.57
C PRO A 76 1.73 16.16 3.57
N PHE A 77 2.96 16.15 3.08
CA PHE A 77 4.14 15.99 3.91
C PHE A 77 4.15 17.01 5.05
N GLY A 78 3.57 18.18 4.79
CA GLY A 78 3.53 19.23 5.79
C GLY A 78 2.83 18.85 7.08
N GLN A 79 2.01 17.80 7.04
CA GLN A 79 1.30 17.36 8.24
C GLN A 79 1.95 16.15 8.90
N LYS A 80 3.21 15.92 8.60
CA LYS A 80 3.96 14.80 9.17
C LYS A 80 3.86 14.73 10.70
N ASP A 81 4.05 15.87 11.36
CA ASP A 81 4.00 15.90 12.83
C ASP A 81 2.65 15.49 13.39
N LEU A 82 1.57 15.96 12.78
CA LEU A 82 0.23 15.62 13.24
C LEU A 82 -0.04 14.14 13.03
N VAL A 83 0.29 13.64 11.84
CA VAL A 83 0.07 12.24 11.54
C VAL A 83 0.86 11.37 12.52
N HIS A 84 2.11 11.72 12.77
CA HIS A 84 2.92 10.93 13.70
C HIS A 84 2.34 10.96 15.11
N TRP A 85 1.86 12.13 15.53
CA TRP A 85 1.28 12.25 16.86
C TRP A 85 0.06 11.34 16.98
N LEU A 86 -0.79 11.35 15.96
CA LEU A 86 -1.98 10.50 15.96
C LEU A 86 -1.61 9.02 15.97
N GLY A 87 -0.43 8.70 15.46
CA GLY A 87 0.02 7.32 15.43
C GLY A 87 0.91 6.95 16.60
N SER A 88 1.05 7.85 17.57
CA SER A 88 1.90 7.59 18.73
C SER A 88 1.16 7.75 20.05
N HIS A 89 -0.14 7.97 19.98
CA HIS A 89 -0.98 8.12 21.16
C HIS A 89 -2.30 7.39 20.90
N SER A 90 -2.93 6.90 21.96
CA SER A 90 -4.17 6.16 21.83
C SER A 90 -5.41 6.89 22.32
N GLY A 91 -6.54 6.63 21.66
CA GLY A 91 -7.80 7.25 22.04
C GLY A 91 -8.22 6.78 23.42
N ARG A 92 -7.56 5.76 23.94
CA ARG A 92 -7.85 5.26 25.28
C ARG A 92 -7.35 6.25 26.30
N GLU A 93 -6.40 7.09 25.90
CA GLU A 93 -5.78 8.04 26.82
C GLU A 93 -5.82 9.51 26.43
N VAL A 94 -6.31 9.83 25.25
CA VAL A 94 -6.39 11.22 24.81
C VAL A 94 -7.48 11.35 23.76
N ASP A 95 -8.20 12.48 23.78
CA ASP A 95 -9.26 12.71 22.81
C ASP A 95 -8.64 13.26 21.53
N LYS A 96 -8.48 12.39 20.54
CA LYS A 96 -7.89 12.82 19.28
C LYS A 96 -8.94 13.51 18.42
N GLY A 97 -10.18 13.53 18.90
CA GLY A 97 -11.26 14.18 18.18
C GLY A 97 -11.12 15.69 18.15
N GLN A 98 -10.17 16.21 18.94
CA GLN A 98 -9.94 17.65 18.98
C GLN A 98 -9.09 18.10 17.81
N ALA A 99 -8.55 17.15 17.06
CA ALA A 99 -7.75 17.49 15.89
C ALA A 99 -8.76 18.06 14.89
N PRO A 100 -8.42 19.19 14.25
CA PRO A 100 -9.33 19.80 13.28
C PRO A 100 -9.86 18.79 12.26
N HIS A 101 -11.17 18.74 12.11
CA HIS A 101 -11.80 17.81 11.18
C HIS A 101 -13.22 18.25 10.83
N PHE A 102 -13.81 17.55 9.87
CA PHE A 102 -15.19 17.83 9.48
C PHE A 102 -15.88 16.50 9.25
N LEU A 103 -17.20 16.53 9.17
CA LEU A 103 -17.96 15.30 8.96
C LEU A 103 -18.38 15.17 7.50
N GLY A 104 -18.17 13.99 6.94
CA GLY A 104 -18.52 13.76 5.55
C GLY A 104 -20.02 13.54 5.37
N HIS A 105 -20.42 13.26 4.13
CA HIS A 105 -21.82 13.03 3.79
C HIS A 105 -22.45 11.88 4.56
N THR A 106 -21.64 10.87 4.89
CA THR A 106 -22.15 9.71 5.62
C THR A 106 -21.93 9.84 7.12
N GLY A 107 -21.41 10.99 7.55
CA GLY A 107 -21.18 11.21 8.97
C GLY A 107 -19.82 10.80 9.50
N VAL A 108 -18.96 10.27 8.64
CA VAL A 108 -17.63 9.86 9.10
C VAL A 108 -16.75 11.10 9.27
N PRO A 109 -15.84 11.09 10.25
CA PRO A 109 -14.97 12.24 10.48
C PRO A 109 -13.75 12.21 9.56
N ILE A 110 -13.46 13.35 8.94
CA ILE A 110 -12.33 13.47 8.03
C ILE A 110 -11.34 14.51 8.55
N LEU A 111 -10.11 14.09 8.79
CA LEU A 111 -9.07 14.97 9.31
C LEU A 111 -8.81 16.11 8.32
N GLU A 112 -8.85 17.34 8.81
N GLU A 112 -8.83 17.34 8.83
CA GLU A 112 -8.63 18.48 7.94
CA GLU A 112 -8.60 18.53 8.01
C GLU A 112 -7.20 18.59 7.44
C GLU A 112 -7.17 18.63 7.46
N GLY A 113 -7.05 19.14 6.24
CA GLY A 113 -5.74 19.30 5.63
C GLY A 113 -5.38 18.27 4.57
N ALA A 114 -6.21 17.25 4.41
CA ALA A 114 -5.97 16.19 3.44
C ALA A 114 -6.09 16.68 2.00
N TYR A 115 -5.31 16.08 1.09
CA TYR A 115 -5.46 16.44 -0.31
C TYR A 115 -6.53 15.55 -0.93
N ALA A 116 -6.87 14.47 -0.24
CA ALA A 116 -7.91 13.56 -0.71
C ALA A 116 -8.39 12.67 0.43
N ALA A 117 -9.62 12.19 0.33
CA ALA A 117 -10.16 11.31 1.35
C ALA A 117 -11.35 10.50 0.82
N TYR A 118 -11.53 9.32 1.40
CA TYR A 118 -12.63 8.44 1.05
C TYR A 118 -13.56 8.26 2.24
N GLU A 119 -14.86 8.18 1.95
CA GLU A 119 -15.84 7.88 2.98
C GLU A 119 -16.12 6.41 2.65
N LEU A 120 -15.97 5.54 3.63
CA LEU A 120 -16.16 4.12 3.41
C LEU A 120 -17.22 3.45 4.27
N GLU A 121 -17.86 2.45 3.69
CA GLU A 121 -18.85 1.63 4.39
C GLU A 121 -18.12 0.30 4.60
N LEU A 122 -18.07 -0.17 5.83
CA LEU A 122 -17.38 -1.43 6.10
C LEU A 122 -18.12 -2.61 5.51
N LEU A 123 -17.45 -3.36 4.63
CA LEU A 123 -18.07 -4.51 3.99
C LEU A 123 -17.73 -5.83 4.69
N GLU A 124 -16.45 -6.02 4.95
CA GLU A 124 -15.99 -7.26 5.59
C GLU A 124 -14.76 -7.01 6.45
N VAL A 125 -14.52 -7.92 7.37
CA VAL A 125 -13.36 -7.88 8.25
C VAL A 125 -12.78 -9.28 8.27
N HIS A 126 -11.48 -9.39 8.00
CA HIS A 126 -10.82 -10.69 7.98
C HIS A 126 -9.57 -10.68 8.84
N THR A 127 -9.44 -11.70 9.69
CA THR A 127 -8.28 -11.81 10.55
C THR A 127 -7.14 -12.51 9.83
N PHE A 128 -5.98 -11.87 9.79
CA PHE A 128 -4.78 -12.43 9.18
C PHE A 128 -3.69 -12.25 10.23
N GLY A 129 -3.38 -13.32 10.97
CA GLY A 129 -2.35 -13.18 11.98
C GLY A 129 -2.73 -12.18 13.06
N ASP A 130 -1.80 -11.26 13.37
CA ASP A 130 -2.05 -10.28 14.42
C ASP A 130 -2.72 -8.97 14.04
N HIS A 131 -3.29 -8.90 12.84
CA HIS A 131 -4.02 -7.69 12.41
C HIS A 131 -5.28 -8.12 11.67
N ASP A 132 -6.30 -7.28 11.71
CA ASP A 132 -7.54 -7.55 11.01
C ASP A 132 -7.65 -6.59 9.82
N LEU A 133 -7.97 -7.13 8.66
CA LEU A 133 -8.13 -6.32 7.46
C LEU A 133 -9.58 -5.85 7.37
N PHE A 134 -9.77 -4.55 7.40
CA PHE A 134 -11.09 -3.94 7.29
C PHE A 134 -11.25 -3.53 5.85
N VAL A 135 -12.18 -4.18 5.14
CA VAL A 135 -12.42 -3.89 3.74
C VAL A 135 -13.61 -2.94 3.61
N GLY A 136 -13.34 -1.75 3.07
CA GLY A 136 -14.41 -0.79 2.93
C GLY A 136 -14.76 -0.46 1.50
N ARG A 137 -16.02 -0.12 1.27
CA ARG A 137 -16.47 0.27 -0.06
C ARG A 137 -16.48 1.79 -0.08
N VAL A 138 -15.85 2.36 -1.09
CA VAL A 138 -15.80 3.82 -1.22
C VAL A 138 -17.18 4.31 -1.65
N VAL A 139 -17.82 5.12 -0.81
CA VAL A 139 -19.14 5.64 -1.16
C VAL A 139 -19.13 7.13 -1.48
N ALA A 140 -18.07 7.82 -1.07
CA ALA A 140 -17.91 9.23 -1.36
C ALA A 140 -16.43 9.57 -1.44
N VAL A 141 -16.09 10.54 -2.28
CA VAL A 141 -14.71 10.95 -2.50
C VAL A 141 -14.55 12.45 -2.29
N TRP A 142 -13.50 12.83 -1.58
CA TRP A 142 -13.17 14.23 -1.32
C TRP A 142 -11.81 14.53 -1.94
N GLU A 143 -11.71 15.67 -2.62
CA GLU A 143 -10.46 16.07 -3.25
C GLU A 143 -10.19 17.55 -3.07
N GLU A 144 -8.94 17.90 -2.72
CA GLU A 144 -8.59 19.31 -2.60
C GLU A 144 -8.13 19.67 -4.01
N GLU A 145 -9.04 20.30 -4.75
N GLU A 145 -9.03 20.31 -4.76
CA GLU A 145 -8.80 20.72 -6.13
CA GLU A 145 -8.78 20.70 -6.14
C GLU A 145 -7.46 21.42 -6.36
C GLU A 145 -7.40 21.29 -6.43
N GLY A 146 -6.69 20.90 -7.31
N GLY A 146 -6.81 21.97 -5.44
CA GLY A 146 -5.41 21.49 -7.63
CA GLY A 146 -5.51 22.57 -5.66
C GLY A 146 -4.21 20.70 -7.13
C GLY A 146 -4.29 21.76 -5.24
N LEU A 147 -4.46 19.75 -6.22
N LEU A 147 -4.50 20.57 -4.70
CA LEU A 147 -3.37 18.94 -5.68
CA LEU A 147 -3.38 19.74 -4.27
C LEU A 147 -3.22 17.59 -6.37
C LEU A 147 -3.23 18.44 -5.06
N LEU A 148 -4.12 17.29 -7.30
N LEU A 148 -4.11 18.23 -6.05
CA LEU A 148 -4.09 16.05 -8.05
CA LEU A 148 -4.05 17.02 -6.87
C LEU A 148 -3.98 16.38 -9.53
C LEU A 148 -3.80 17.33 -8.34
N ASP A 149 -3.27 15.57 -10.30
N ASP A 149 -3.30 16.34 -9.08
CA ASP A 149 -3.14 15.84 -11.73
CA ASP A 149 -3.05 16.50 -10.50
C ASP A 149 -4.44 15.48 -12.45
C ASP A 149 -4.30 16.10 -11.28
N GLU A 150 -4.46 15.64 -13.77
N GLU A 150 -4.18 16.05 -12.59
CA GLU A 150 -5.64 15.36 -14.57
CA GLU A 150 -5.31 15.71 -13.47
C GLU A 150 -6.16 13.92 -14.43
C GLU A 150 -6.00 14.39 -13.13
N LYS A 151 -5.28 13.01 -14.03
N LYS A 151 -5.26 13.43 -12.58
CA LYS A 151 -5.67 11.62 -13.88
CA LYS A 151 -5.84 12.13 -12.27
C LYS A 151 -6.05 11.24 -12.45
C LYS A 151 -6.12 11.86 -10.79
N GLY A 152 -5.97 12.20 -11.54
N GLY A 152 -6.09 12.91 -9.98
CA GLY A 152 -6.33 11.93 -10.15
CA GLY A 152 -6.38 12.74 -8.56
C GLY A 152 -5.19 11.49 -9.26
C GLY A 152 -5.23 12.26 -7.70
N ARG A 153 -3.97 11.54 -9.79
N ARG A 153 -4.02 12.28 -8.24
CA ARG A 153 -2.80 11.13 -9.02
CA ARG A 153 -2.85 11.86 -7.47
C ARG A 153 -2.25 12.29 -8.22
C ARG A 153 -2.25 13.10 -6.81
N PRO A 154 -1.95 12.09 -6.92
N PRO A 154 -1.61 12.94 -5.64
CA PRO A 154 -1.41 13.20 -6.13
CA PRO A 154 -1.02 14.10 -4.97
C PRO A 154 -0.12 13.68 -6.80
C PRO A 154 0.03 14.76 -5.86
N LYS A 155 0.03 14.98 -7.00
N LYS A 155 0.06 16.09 -5.86
CA LYS A 155 1.22 15.52 -7.64
CA LYS A 155 1.01 16.83 -6.68
C LYS A 155 2.50 15.08 -6.94
C LYS A 155 2.46 16.50 -6.33
N PRO A 156 3.56 14.79 -7.71
N PRO A 156 3.40 16.89 -7.20
CA PRO A 156 4.86 14.35 -7.21
CA PRO A 156 4.85 16.65 -7.02
C PRO A 156 5.47 15.23 -6.12
C PRO A 156 5.37 16.72 -5.60
N GLY A 157 5.83 14.63 -4.99
N GLY A 157 5.95 15.61 -5.15
CA GLY A 157 6.45 15.38 -3.90
CA GLY A 157 6.51 15.53 -3.81
C GLY A 157 5.56 15.77 -2.73
C GLY A 157 5.56 15.93 -2.71
N LEU A 158 4.26 15.81 -2.97
CA LEU A 158 3.28 16.20 -1.94
C LEU A 158 2.98 15.14 -0.87
N ALA A 159 2.91 13.88 -1.28
CA ALA A 159 2.57 12.81 -0.36
C ALA A 159 3.51 12.57 0.80
N LEU A 160 2.93 12.15 1.92
CA LEU A 160 3.70 11.82 3.11
C LEU A 160 4.03 10.32 2.99
N LEU A 161 5.31 9.97 3.12
CA LEU A 161 5.73 8.58 3.04
C LEU A 161 6.23 8.12 4.40
N TYR A 162 5.87 6.90 4.78
CA TYR A 162 6.30 6.35 6.04
C TYR A 162 7.26 5.19 5.80
N TYR A 163 8.39 5.19 6.49
CA TYR A 163 9.42 4.15 6.36
C TYR A 163 9.40 3.18 7.53
N GLY A 164 8.52 3.42 8.49
CA GLY A 164 8.45 2.54 9.66
C GLY A 164 9.29 3.09 10.80
N LYS A 165 8.96 2.69 12.02
CA LYS A 165 9.69 3.13 13.21
C LYS A 165 9.90 4.64 13.32
N GLY A 166 8.82 5.40 13.09
CA GLY A 166 8.89 6.84 13.21
C GLY A 166 9.68 7.63 12.18
N LEU A 167 10.03 6.98 11.06
CA LEU A 167 10.78 7.68 10.02
C LEU A 167 9.86 8.03 8.85
N TYR A 168 9.92 9.29 8.43
CA TYR A 168 9.09 9.76 7.32
C TYR A 168 9.89 10.41 6.22
N GLY A 169 9.25 10.55 5.07
CA GLY A 169 9.88 11.18 3.93
C GLY A 169 8.79 11.63 2.97
N ARG A 170 9.19 11.95 1.74
CA ARG A 170 8.25 12.40 0.72
C ARG A 170 8.84 11.99 -0.60
N PRO A 171 8.02 11.95 -1.67
CA PRO A 171 8.57 11.57 -2.97
C PRO A 171 9.38 12.71 -3.56
N ALA A 172 10.29 12.39 -4.46
CA ALA A 172 11.07 13.41 -5.13
C ALA A 172 10.09 14.02 -6.14
N GLU A 173 10.40 15.21 -6.65
CA GLU A 173 9.51 15.84 -7.62
C GLU A 173 9.61 15.18 -9.00
N GLU A 174 10.79 14.67 -9.34
CA GLU A 174 10.99 14.05 -10.64
C GLU A 174 10.23 12.74 -10.82
N THR A 175 9.72 12.53 -12.02
CA THR A 175 8.98 11.32 -12.33
C THR A 175 9.53 10.68 -13.60
N PHE A 176 9.04 9.48 -13.90
CA PHE A 176 9.48 8.74 -15.08
C PHE A 176 8.27 8.10 -15.75
N ALA A 177 8.26 8.06 -17.07
CA ALA A 177 7.17 7.43 -17.81
C ALA A 177 7.80 6.46 -18.81
N PRO A 178 8.07 5.22 -18.39
CA PRO A 178 8.68 4.18 -19.23
C PRO A 178 7.84 3.88 -20.47
N MET B 1 -12.96 22.01 -0.23
CA MET B 1 -12.63 20.63 -0.68
C MET B 1 -13.82 20.03 -1.44
N ARG B 2 -13.60 19.69 -2.70
CA ARG B 2 -14.62 19.13 -3.57
C ARG B 2 -14.99 17.69 -3.18
N SER B 3 -16.23 17.29 -3.45
CA SER B 3 -16.67 15.94 -3.14
C SER B 3 -17.73 15.45 -4.11
N TYR B 4 -17.85 14.13 -4.22
CA TYR B 4 -18.85 13.52 -5.07
C TYR B 4 -19.14 12.13 -4.53
N ARG B 5 -20.32 11.62 -4.84
CA ARG B 5 -20.71 10.29 -4.38
C ARG B 5 -20.35 9.25 -5.43
N ALA B 6 -19.85 8.10 -4.97
CA ALA B 6 -19.48 7.03 -5.89
C ALA B 6 -20.72 6.57 -6.64
N GLN B 7 -20.57 6.36 -7.96
CA GLN B 7 -21.68 5.93 -8.82
C GLN B 7 -21.23 4.75 -9.66
N GLY B 8 -20.10 4.17 -9.29
CA GLY B 8 -19.52 3.05 -10.00
C GLY B 8 -18.03 3.20 -9.81
N PRO B 9 -17.20 2.65 -10.73
CA PRO B 9 -15.75 2.81 -10.54
C PRO B 9 -15.43 4.30 -10.53
N LEU B 10 -14.43 4.70 -9.75
CA LEU B 10 -14.04 6.10 -9.67
C LEU B 10 -13.35 6.55 -10.96
N PRO B 11 -13.50 7.83 -11.32
CA PRO B 11 -12.85 8.33 -12.54
C PRO B 11 -11.34 8.10 -12.46
N GLY B 12 -10.84 8.08 -11.23
CA GLY B 12 -9.44 7.84 -10.96
C GLY B 12 -9.40 7.26 -9.56
N PHE B 13 -8.70 6.14 -9.37
CA PHE B 13 -8.61 5.50 -8.07
C PHE B 13 -7.14 5.50 -7.66
N TYR B 14 -6.56 6.70 -7.56
CA TYR B 14 -5.15 6.84 -7.25
C TYR B 14 -4.84 7.79 -6.10
N HIS B 15 -5.86 8.14 -5.32
CA HIS B 15 -5.67 9.08 -4.22
C HIS B 15 -4.68 8.65 -3.15
N TYR B 16 -4.49 7.34 -3.02
CA TYR B 16 -3.59 6.77 -2.01
C TYR B 16 -2.20 6.41 -2.55
N TYR B 17 -1.92 6.82 -3.78
CA TYR B 17 -0.62 6.57 -4.40
C TYR B 17 0.33 7.71 -3.99
N PRO B 18 1.64 7.54 -4.19
CA PRO B 18 2.32 6.37 -4.76
C PRO B 18 2.49 5.22 -3.80
N GLY B 19 2.93 4.10 -4.36
CA GLY B 19 3.17 2.92 -3.56
C GLY B 19 4.33 2.16 -4.17
N VAL B 20 4.98 1.34 -3.36
CA VAL B 20 6.08 0.52 -3.87
C VAL B 20 5.42 -0.68 -4.54
N PRO B 21 5.82 -0.99 -5.78
CA PRO B 21 5.23 -2.14 -6.45
C PRO B 21 5.98 -3.42 -6.09
N ALA B 22 5.25 -4.44 -5.67
CA ALA B 22 5.86 -5.71 -5.33
C ALA B 22 5.90 -6.56 -6.60
N VAL B 23 7.08 -7.02 -6.99
CA VAL B 23 7.15 -7.86 -8.17
C VAL B 23 6.87 -9.28 -7.71
N VAL B 24 5.75 -9.82 -8.19
CA VAL B 24 5.32 -11.17 -7.82
C VAL B 24 5.88 -12.18 -8.81
N GLY B 25 6.70 -13.10 -8.29
CA GLY B 25 7.27 -14.13 -9.13
C GLY B 25 6.63 -15.46 -8.81
N VAL B 26 6.29 -16.22 -9.84
CA VAL B 26 5.67 -17.52 -9.65
C VAL B 26 6.18 -18.52 -10.68
N ARG B 27 6.29 -19.77 -10.28
CA ARG B 27 6.78 -20.83 -11.15
C ARG B 27 5.89 -22.06 -11.05
N VAL B 28 5.51 -22.59 -12.21
CA VAL B 28 4.70 -23.80 -12.29
C VAL B 28 5.50 -24.68 -13.24
N GLU B 29 6.06 -25.75 -12.70
CA GLU B 29 6.89 -26.65 -13.49
C GLU B 29 8.09 -25.85 -14.01
N GLU B 30 8.23 -25.75 -15.33
CA GLU B 30 9.36 -25.03 -15.90
C GLU B 30 9.05 -23.56 -16.19
N ARG B 31 7.77 -23.22 -16.25
CA ARG B 31 7.36 -21.85 -16.56
C ARG B 31 7.45 -20.84 -15.42
N VAL B 32 8.13 -19.73 -15.69
CA VAL B 32 8.28 -18.65 -14.72
C VAL B 32 7.57 -17.40 -15.24
N ASN B 33 6.90 -16.68 -14.35
CA ASN B 33 6.21 -15.45 -14.73
C ASN B 33 6.40 -14.42 -13.63
N PHE B 34 6.38 -13.14 -14.00
CA PHE B 34 6.52 -12.05 -13.06
C PHE B 34 5.50 -10.98 -13.43
N CYS B 35 4.93 -10.33 -12.41
N CYS B 35 4.98 -10.30 -12.41
CA CYS B 35 3.95 -9.27 -12.64
CA CYS B 35 4.06 -9.22 -12.65
C CYS B 35 3.90 -8.35 -11.42
C CYS B 35 4.03 -8.35 -11.42
N PRO B 36 4.18 -7.05 -11.60
CA PRO B 36 4.16 -6.11 -10.49
C PRO B 36 2.76 -5.94 -9.92
N ALA B 37 2.70 -5.70 -8.63
CA ALA B 37 1.45 -5.49 -7.94
C ALA B 37 1.62 -4.31 -6.98
N VAL B 38 1.01 -3.18 -7.31
CA VAL B 38 1.12 -2.02 -6.43
C VAL B 38 0.10 -2.16 -5.30
N TRP B 39 -0.90 -3.01 -5.49
CA TRP B 39 -1.86 -3.27 -4.44
C TRP B 39 -1.27 -4.38 -3.60
N ASN B 40 -0.42 -4.00 -2.65
CA ASN B 40 0.22 -4.95 -1.76
C ASN B 40 0.33 -4.29 -0.39
N THR B 41 0.46 -5.09 0.65
CA THR B 41 0.58 -4.56 1.99
C THR B 41 0.96 -5.62 3.00
N GLY B 42 1.55 -5.18 4.10
CA GLY B 42 1.86 -6.12 5.16
C GLY B 42 0.49 -6.42 5.75
N LEU B 43 0.34 -7.60 6.35
CA LEU B 43 -0.94 -7.98 6.93
C LEU B 43 -0.80 -8.51 8.37
N SER B 44 0.41 -8.92 8.74
CA SER B 44 0.66 -9.43 10.09
C SER B 44 2.17 -9.46 10.34
N ALA B 45 2.57 -9.22 11.57
CA ALA B 45 3.99 -9.26 11.92
C ALA B 45 4.31 -10.64 12.50
N ASP B 46 3.45 -11.12 13.38
CA ASP B 46 3.62 -12.42 14.01
C ASP B 46 2.34 -13.25 13.85
N PRO B 47 2.31 -14.17 12.89
CA PRO B 47 3.39 -14.51 11.95
C PRO B 47 3.52 -13.44 10.86
N PRO B 48 4.63 -13.46 10.11
CA PRO B 48 4.82 -12.47 9.04
C PRO B 48 4.00 -12.82 7.81
N LEU B 49 2.95 -12.04 7.56
CA LEU B 49 2.07 -12.24 6.42
C LEU B 49 2.09 -11.00 5.53
N PHE B 50 2.11 -11.24 4.22
CA PHE B 50 2.16 -10.18 3.23
C PHE B 50 1.14 -10.51 2.14
N GLY B 51 0.40 -9.50 1.69
CA GLY B 51 -0.60 -9.76 0.68
C GLY B 51 -0.47 -8.97 -0.60
N VAL B 52 -0.90 -9.57 -1.71
CA VAL B 52 -0.90 -8.92 -3.01
C VAL B 52 -2.27 -9.16 -3.61
N SER B 53 -2.85 -8.11 -4.18
CA SER B 53 -4.19 -8.18 -4.79
C SER B 53 -4.02 -8.31 -6.29
N ILE B 54 -4.42 -9.47 -6.82
CA ILE B 54 -4.27 -9.80 -8.23
C ILE B 54 -5.60 -10.05 -8.94
N SER B 55 -5.78 -9.43 -10.10
CA SER B 55 -7.00 -9.59 -10.88
C SER B 55 -7.06 -10.99 -11.49
N PRO B 56 -8.25 -11.60 -11.49
CA PRO B 56 -8.38 -12.94 -12.09
C PRO B 56 -8.04 -12.90 -13.57
N LYS B 57 -7.94 -11.70 -14.13
CA LYS B 57 -7.62 -11.53 -15.54
C LYS B 57 -6.13 -11.72 -15.83
N ARG B 58 -5.30 -11.66 -14.80
CA ARG B 58 -3.87 -11.83 -14.99
C ARG B 58 -3.49 -13.30 -15.13
N PHE B 59 -2.53 -13.57 -16.01
CA PHE B 59 -2.04 -14.93 -16.22
C PHE B 59 -1.47 -15.42 -14.87
N THR B 60 -0.92 -14.48 -14.10
CA THR B 60 -0.33 -14.79 -12.81
C THR B 60 -1.32 -15.39 -11.81
N HIS B 61 -2.58 -14.98 -11.89
CA HIS B 61 -3.61 -15.45 -10.99
C HIS B 61 -3.71 -16.97 -10.97
N GLY B 62 -3.84 -17.57 -12.15
CA GLY B 62 -3.93 -19.01 -12.23
C GLY B 62 -2.68 -19.73 -11.74
N LEU B 63 -1.52 -19.15 -12.04
CA LEU B 63 -0.26 -19.74 -11.61
C LEU B 63 -0.13 -19.75 -10.10
N LEU B 64 -0.57 -18.67 -9.45
CA LEU B 64 -0.49 -18.59 -7.99
C LEU B 64 -1.34 -19.67 -7.35
N LEU B 65 -2.54 -19.88 -7.88
CA LEU B 65 -3.45 -20.89 -7.34
C LEU B 65 -2.88 -22.30 -7.49
N LYS B 66 -2.11 -22.52 -8.56
CA LYS B 66 -1.53 -23.83 -8.81
C LYS B 66 -0.27 -24.07 -7.98
N ALA B 67 0.66 -23.12 -8.02
CA ALA B 67 1.91 -23.23 -7.28
C ALA B 67 1.75 -23.12 -5.76
N ARG B 68 0.84 -22.25 -5.32
CA ARG B 68 0.60 -22.05 -3.89
C ARG B 68 1.85 -21.53 -3.19
N ARG B 69 2.77 -20.98 -3.98
CA ARG B 69 4.03 -20.42 -3.49
C ARG B 69 4.40 -19.32 -4.46
N PHE B 70 5.05 -18.26 -3.97
CA PHE B 70 5.46 -17.18 -4.83
C PHE B 70 6.46 -16.26 -4.15
N SER B 71 7.05 -15.37 -4.92
CA SER B 71 8.00 -14.41 -4.37
C SER B 71 7.40 -13.02 -4.51
N ALA B 72 7.92 -12.10 -3.72
CA ALA B 72 7.54 -10.70 -3.76
C ALA B 72 8.87 -9.97 -3.61
N SER B 73 9.34 -9.35 -4.68
CA SER B 73 10.62 -8.65 -4.64
C SER B 73 10.43 -7.14 -4.79
N PHE B 74 11.36 -6.40 -4.20
CA PHE B 74 11.32 -4.95 -4.18
C PHE B 74 12.59 -4.40 -4.83
N HIS B 75 12.39 -3.59 -5.86
CA HIS B 75 13.49 -3.09 -6.68
C HIS B 75 13.83 -1.62 -6.66
N PRO B 76 15.12 -1.30 -6.91
CA PRO B 76 15.58 0.09 -6.94
C PRO B 76 14.91 0.80 -8.12
N PHE B 77 14.74 2.12 -8.01
CA PHE B 77 14.09 2.87 -9.08
C PHE B 77 14.79 2.73 -10.42
N GLY B 78 16.07 2.35 -10.39
CA GLY B 78 16.82 2.18 -11.62
C GLY B 78 16.24 1.10 -12.52
N GLN B 79 15.44 0.21 -11.95
CA GLN B 79 14.83 -0.88 -12.71
C GLN B 79 13.39 -0.56 -13.13
N LYS B 80 13.04 0.72 -13.15
CA LYS B 80 11.69 1.12 -13.54
C LYS B 80 11.25 0.58 -14.89
N ASP B 81 12.14 0.56 -15.88
CA ASP B 81 11.79 0.07 -17.21
C ASP B 81 11.40 -1.40 -17.21
N LEU B 82 12.18 -2.22 -16.50
CA LEU B 82 11.90 -3.65 -16.45
C LEU B 82 10.60 -3.91 -15.70
N VAL B 83 10.40 -3.23 -14.57
CA VAL B 83 9.17 -3.42 -13.80
C VAL B 83 7.96 -3.01 -14.64
N HIS B 84 8.06 -1.89 -15.34
CA HIS B 84 6.93 -1.45 -16.16
C HIS B 84 6.68 -2.44 -17.29
N TRP B 85 7.75 -2.95 -17.89
CA TRP B 85 7.60 -3.91 -18.98
C TRP B 85 6.86 -5.15 -18.47
N LEU B 86 7.26 -5.64 -17.30
CA LEU B 86 6.62 -6.80 -16.71
C LEU B 86 5.15 -6.55 -16.41
N GLY B 87 4.80 -5.30 -16.16
CA GLY B 87 3.41 -4.97 -15.87
C GLY B 87 2.63 -4.44 -17.06
N SER B 88 3.22 -4.53 -18.26
CA SER B 88 2.56 -4.05 -19.47
C SER B 88 2.40 -5.15 -20.52
N HIS B 89 2.78 -6.37 -20.16
CA HIS B 89 2.69 -7.51 -21.07
C HIS B 89 2.26 -8.73 -20.25
N SER B 90 1.55 -9.65 -20.87
CA SER B 90 1.08 -10.85 -20.20
C SER B 90 1.82 -12.13 -20.59
N GLY B 91 1.87 -13.06 -19.64
CA GLY B 91 2.52 -14.34 -19.87
C GLY B 91 1.76 -15.13 -20.93
N ARG B 92 0.58 -14.66 -21.30
CA ARG B 92 -0.21 -15.33 -22.32
C ARG B 92 0.43 -15.08 -23.69
N GLU B 93 1.18 -13.99 -23.81
CA GLU B 93 1.80 -13.62 -25.07
C GLU B 93 3.32 -13.52 -25.07
N VAL B 94 3.95 -13.55 -23.91
CA VAL B 94 5.40 -13.45 -23.85
C VAL B 94 5.94 -14.21 -22.64
N ASP B 95 7.07 -14.90 -22.82
CA ASP B 95 7.68 -15.63 -21.73
C ASP B 95 8.52 -14.66 -20.90
N LYS B 96 7.94 -14.17 -19.81
CA LYS B 96 8.65 -13.22 -18.95
C LYS B 96 9.68 -13.93 -18.08
N GLY B 97 9.72 -15.26 -18.18
CA GLY B 97 10.66 -16.04 -17.39
C GLY B 97 12.10 -15.88 -17.84
N GLN B 98 12.32 -15.19 -18.96
CA GLN B 98 13.67 -14.99 -19.44
C GLN B 98 14.33 -13.78 -18.79
N ALA B 99 13.54 -13.04 -18.02
CA ALA B 99 14.09 -11.88 -17.31
C ALA B 99 15.07 -12.47 -16.31
N PRO B 100 16.24 -11.84 -16.15
CA PRO B 100 17.24 -12.35 -15.19
C PRO B 100 16.63 -12.61 -13.82
N HIS B 101 16.78 -13.84 -13.34
CA HIS B 101 16.24 -14.22 -12.03
C HIS B 101 16.95 -15.45 -11.48
N PHE B 102 16.66 -15.79 -10.23
CA PHE B 102 17.24 -16.96 -9.59
C PHE B 102 16.13 -17.62 -8.79
N LEU B 103 16.32 -18.86 -8.39
CA LEU B 103 15.31 -19.57 -7.62
C LEU B 103 15.67 -19.53 -6.15
N GLY B 104 14.67 -19.26 -5.31
CA GLY B 104 14.90 -19.22 -3.88
C GLY B 104 14.94 -20.58 -3.23
N HIS B 105 15.08 -20.61 -1.92
CA HIS B 105 15.14 -21.87 -1.17
C HIS B 105 13.91 -22.76 -1.38
N THR B 106 12.76 -22.15 -1.62
CA THR B 106 11.53 -22.90 -1.82
C THR B 106 11.20 -23.12 -3.29
N GLY B 107 12.10 -22.70 -4.17
CA GLY B 107 11.88 -22.89 -5.59
C GLY B 107 11.15 -21.77 -6.31
N VAL B 108 10.76 -20.73 -5.58
CA VAL B 108 10.07 -19.61 -6.21
C VAL B 108 11.08 -18.75 -6.96
N PRO B 109 10.68 -18.20 -8.11
CA PRO B 109 11.59 -17.35 -8.90
C PRO B 109 11.65 -15.94 -8.35
N ILE B 110 12.87 -15.41 -8.21
CA ILE B 110 13.08 -14.07 -7.68
C ILE B 110 13.80 -13.22 -8.73
N LEU B 111 13.17 -12.12 -9.13
CA LEU B 111 13.74 -11.23 -10.13
C LEU B 111 15.05 -10.62 -9.65
N GLU B 112 16.09 -10.73 -10.46
CA GLU B 112 17.40 -10.19 -10.11
C GLU B 112 17.43 -8.67 -10.02
N GLY B 113 18.27 -8.15 -9.12
CA GLY B 113 18.41 -6.71 -8.97
C GLY B 113 17.69 -6.10 -7.78
N ALA B 114 16.87 -6.90 -7.12
CA ALA B 114 16.10 -6.41 -5.97
C ALA B 114 16.99 -6.11 -4.76
N TYR B 115 16.56 -5.14 -3.95
CA TYR B 115 17.31 -4.83 -2.74
C TYR B 115 16.81 -5.74 -1.61
N ALA B 116 15.63 -6.32 -1.82
CA ALA B 116 15.02 -7.23 -0.85
C ALA B 116 13.92 -8.05 -1.50
N ALA B 117 13.67 -9.23 -0.96
CA ALA B 117 12.62 -10.10 -1.49
C ALA B 117 12.15 -11.12 -0.45
N TYR B 118 10.90 -11.53 -0.58
CA TYR B 118 10.32 -12.53 0.30
C TYR B 118 9.93 -13.76 -0.51
N GLU B 119 10.09 -14.93 0.11
CA GLU B 119 9.65 -16.18 -0.49
C GLU B 119 8.39 -16.43 0.35
N LEU B 120 7.26 -16.65 -0.31
CA LEU B 120 6.02 -16.84 0.42
C LEU B 120 5.27 -18.12 0.11
N GLU B 121 4.56 -18.61 1.13
CA GLU B 121 3.73 -19.80 1.00
C GLU B 121 2.30 -19.26 1.03
N LEU B 122 1.50 -19.59 0.02
CA LEU B 122 0.14 -19.11 -0.03
C LEU B 122 -0.69 -19.71 1.10
N LEU B 123 -1.28 -18.84 1.92
CA LEU B 123 -2.08 -19.26 3.06
C LEU B 123 -3.57 -19.23 2.76
N GLU B 124 -4.04 -18.11 2.22
CA GLU B 124 -5.45 -17.94 1.90
C GLU B 124 -5.64 -17.02 0.71
N VAL B 125 -6.81 -17.11 0.08
CA VAL B 125 -7.15 -16.26 -1.05
C VAL B 125 -8.57 -15.76 -0.78
N HIS B 126 -8.78 -14.45 -0.89
CA HIS B 126 -10.08 -13.86 -0.65
C HIS B 126 -10.50 -12.92 -1.78
N THR B 127 -11.71 -13.11 -2.28
CA THR B 127 -12.22 -12.27 -3.35
C THR B 127 -12.84 -10.99 -2.79
N PHE B 128 -12.39 -9.85 -3.31
CA PHE B 128 -12.92 -8.56 -2.92
C PHE B 128 -13.16 -7.82 -4.23
N GLY B 129 -14.41 -7.80 -4.68
CA GLY B 129 -14.71 -7.12 -5.93
C GLY B 129 -14.00 -7.74 -7.11
N ASP B 130 -13.35 -6.92 -7.93
CA ASP B 130 -12.67 -7.44 -9.12
C ASP B 130 -11.23 -7.91 -8.97
N HIS B 131 -10.76 -8.05 -7.74
CA HIS B 131 -9.40 -8.55 -7.50
C HIS B 131 -9.43 -9.56 -6.35
N ASP B 132 -8.49 -10.50 -6.37
CA ASP B 132 -8.39 -11.50 -5.32
C ASP B 132 -7.14 -11.20 -4.48
N LEU B 133 -7.30 -11.18 -3.17
CA LEU B 133 -6.17 -10.92 -2.29
C LEU B 133 -5.50 -12.26 -1.95
N PHE B 134 -4.23 -12.37 -2.33
CA PHE B 134 -3.44 -13.57 -2.05
C PHE B 134 -2.62 -13.27 -0.80
N VAL B 135 -2.92 -14.00 0.28
CA VAL B 135 -2.22 -13.79 1.54
C VAL B 135 -1.12 -14.82 1.69
N GLY B 136 0.11 -14.36 1.74
CA GLY B 136 1.23 -15.27 1.87
C GLY B 136 1.96 -15.15 3.18
N ARG B 137 2.53 -16.26 3.63
CA ARG B 137 3.31 -16.30 4.86
C ARG B 137 4.78 -16.24 4.42
N VAL B 138 5.53 -15.31 5.00
CA VAL B 138 6.94 -15.18 4.65
C VAL B 138 7.72 -16.36 5.23
N VAL B 139 8.35 -17.15 4.36
CA VAL B 139 9.14 -18.29 4.81
C VAL B 139 10.63 -18.11 4.62
N ALA B 140 11.02 -17.13 3.82
CA ALA B 140 12.43 -16.84 3.59
C ALA B 140 12.57 -15.38 3.18
N VAL B 141 13.70 -14.78 3.57
CA VAL B 141 13.98 -13.37 3.29
C VAL B 141 15.32 -13.20 2.59
N TRP B 142 15.34 -12.35 1.57
CA TRP B 142 16.56 -12.06 0.83
C TRP B 142 16.84 -10.57 0.97
N GLU B 143 18.10 -10.20 1.18
CA GLU B 143 18.47 -8.80 1.33
C GLU B 143 19.80 -8.49 0.65
N GLU B 144 19.89 -7.32 0.02
CA GLU B 144 21.12 -6.89 -0.62
C GLU B 144 21.72 -5.86 0.34
N GLU B 145 22.57 -6.34 1.24
CA GLU B 145 23.22 -5.52 2.26
C GLU B 145 23.57 -4.07 1.91
N GLY B 146 24.31 -3.90 0.82
CA GLY B 146 24.73 -2.56 0.41
C GLY B 146 23.63 -1.62 -0.06
N LEU B 147 22.41 -2.14 -0.19
CA LEU B 147 21.29 -1.31 -0.64
C LEU B 147 20.25 -1.06 0.43
N LEU B 148 20.50 -1.57 1.64
CA LEU B 148 19.55 -1.41 2.74
C LEU B 148 20.15 -0.67 3.93
N ASP B 149 19.27 -0.07 4.75
CA ASP B 149 19.74 0.64 5.93
C ASP B 149 19.73 -0.34 7.10
N GLU B 150 20.07 0.16 8.29
CA GLU B 150 20.14 -0.68 9.48
C GLU B 150 18.88 -1.48 9.82
N LYS B 151 17.71 -1.00 9.40
CA LYS B 151 16.47 -1.71 9.70
C LYS B 151 15.89 -2.53 8.55
N GLY B 152 16.66 -2.68 7.47
CA GLY B 152 16.19 -3.46 6.35
C GLY B 152 15.33 -2.72 5.34
N ARG B 153 15.41 -1.39 5.36
CA ARG B 153 14.65 -0.57 4.42
C ARG B 153 15.57 -0.14 3.29
N PRO B 154 15.01 0.11 2.10
CA PRO B 154 15.89 0.53 1.00
C PRO B 154 16.60 1.83 1.41
N LYS B 155 17.86 1.98 1.00
CA LYS B 155 18.62 3.18 1.33
C LYS B 155 17.89 4.42 0.83
N PRO B 156 18.15 5.58 1.45
CA PRO B 156 17.51 6.85 1.07
C PRO B 156 17.38 7.11 -0.43
N GLY B 157 16.15 7.27 -0.89
CA GLY B 157 15.88 7.56 -2.29
C GLY B 157 16.07 6.42 -3.28
N LEU B 158 16.17 5.20 -2.80
CA LEU B 158 16.38 4.05 -3.68
C LEU B 158 15.11 3.36 -4.17
N ALA B 159 14.09 3.33 -3.33
CA ALA B 159 12.85 2.64 -3.68
C ALA B 159 12.15 3.15 -4.94
N LEU B 160 11.59 2.22 -5.71
CA LEU B 160 10.84 2.57 -6.90
C LEU B 160 9.42 2.86 -6.43
N LEU B 161 8.88 4.00 -6.83
CA LEU B 161 7.51 4.36 -6.47
C LEU B 161 6.64 4.38 -7.72
N TYR B 162 5.40 3.93 -7.59
CA TYR B 162 4.47 3.92 -8.70
C TYR B 162 3.29 4.83 -8.38
N TYR B 163 3.01 5.76 -9.28
CA TYR B 163 1.93 6.72 -9.13
C TYR B 163 0.65 6.29 -9.84
N GLY B 164 0.72 5.23 -10.64
CA GLY B 164 -0.43 4.78 -11.38
C GLY B 164 -0.34 5.19 -12.83
N LYS B 165 -1.05 4.47 -13.69
CA LYS B 165 -1.08 4.74 -15.12
C LYS B 165 0.29 4.98 -15.77
N GLY B 166 1.23 4.09 -15.47
CA GLY B 166 2.57 4.16 -16.05
C GLY B 166 3.51 5.25 -15.60
N LEU B 167 3.20 5.92 -14.50
CA LEU B 167 4.07 6.98 -13.99
C LEU B 167 4.79 6.50 -12.75
N TYR B 168 6.11 6.66 -12.72
CA TYR B 168 6.92 6.22 -11.59
C TYR B 168 7.74 7.36 -11.00
N GLY B 169 8.29 7.12 -9.82
CA GLY B 169 9.11 8.11 -9.14
C GLY B 169 10.02 7.43 -8.13
N ARG B 170 10.52 8.20 -7.19
CA ARG B 170 11.40 7.69 -6.16
C ARG B 170 11.32 8.61 -4.96
N PRO B 171 11.73 8.14 -3.78
CA PRO B 171 11.66 8.99 -2.60
C PRO B 171 12.77 10.04 -2.59
N ALA B 172 12.52 11.15 -1.93
CA ALA B 172 13.54 12.19 -1.80
C ALA B 172 14.54 11.54 -0.83
N GLU B 173 15.80 11.92 -0.91
CA GLU B 173 16.79 11.32 -0.02
C GLU B 173 16.73 11.85 1.41
N GLU B 174 15.84 12.82 1.64
CA GLU B 174 15.69 13.40 2.96
C GLU B 174 14.66 12.67 3.80
N THR B 175 15.04 12.29 5.02
CA THR B 175 14.14 11.58 5.93
C THR B 175 13.99 12.39 7.22
N PHE B 176 12.83 12.27 7.87
CA PHE B 176 12.57 13.02 9.10
C PHE B 176 11.97 12.14 10.19
N ALA B 177 12.35 12.41 11.44
CA ALA B 177 11.85 11.65 12.58
C ALA B 177 11.22 12.57 13.62
N PRO B 178 9.89 12.73 13.59
CA PRO B 178 9.16 13.58 14.53
C PRO B 178 9.45 13.23 15.99
N1 FMN C . -1.32 0.49 13.40
C2 FMN C . -2.04 -0.49 12.83
O2 FMN C . -2.80 -1.31 13.38
N3 FMN C . -1.96 -0.64 11.37
C4 FMN C . -1.15 0.21 10.55
O4 FMN C . -1.20 -0.04 9.34
C4A FMN C . -0.44 1.21 11.21
N5 FMN C . 0.30 2.00 10.50
C5A FMN C . 0.90 3.14 11.09
C6 FMN C . 1.54 4.16 10.35
C7 FMN C . 2.13 5.31 11.01
C7M FMN C . 2.80 6.39 10.19
C8 FMN C . 2.07 5.42 12.47
C8M FMN C . 2.69 6.59 13.15
C9 FMN C . 1.44 4.44 13.21
C9A FMN C . 0.82 3.25 12.57
N10 FMN C . 0.19 2.32 13.39
C10 FMN C . -0.52 1.35 12.73
C1' FMN C . -0.03 2.42 14.83
C2' FMN C . -1.28 3.18 15.26
O2' FMN C . -1.49 4.28 14.39
C3' FMN C . -0.98 3.62 16.66
O3' FMN C . -0.95 2.46 17.55
C4' FMN C . -2.08 4.56 17.24
O4' FMN C . -1.60 5.18 18.40
C5' FMN C . -3.40 3.78 17.52
O5' FMN C . -4.33 4.77 18.00
P FMN C . -5.68 4.29 18.66
O1P FMN C . -6.46 3.52 17.67
O2P FMN C . -5.35 3.39 19.89
O3P FMN C . -6.46 5.51 19.09
C ACT D . 1.75 -1.50 12.31
O ACT D . 0.80 -2.08 13.01
OXT ACT D . 2.53 -0.57 12.70
CH3 ACT D . 2.00 -1.89 10.90
N1 FMN E . -2.29 -5.91 -11.62
C2 FMN E . -2.97 -6.48 -10.61
O2 FMN E . -3.81 -7.39 -10.66
N3 FMN E . -2.72 -5.99 -9.24
C4 FMN E . -1.79 -4.93 -8.96
O4 FMN E . -1.68 -4.63 -7.77
C4A FMN E . -1.13 -4.40 -10.05
N5 FMN E . -0.27 -3.45 -9.84
C5A FMN E . 0.58 -3.01 -10.89
C6 FMN E . 1.67 -2.11 -10.69
C7 FMN E . 2.49 -1.69 -11.81
C7M FMN E . 3.66 -0.74 -11.56
C8 FMN E . 2.20 -2.17 -13.17
C8M FMN E . 3.03 -1.73 -14.30
C9 FMN E . 1.15 -3.04 -13.36
C9A FMN E . 0.28 -3.51 -12.25
N10 FMN E . -0.74 -4.41 -12.54
C10 FMN E . -1.39 -4.92 -11.46
C1' FMN E . -1.04 -5.02 -13.83
C2' FMN E . -0.28 -6.31 -14.13
O2' FMN E . 1.05 -6.21 -13.61
C3' FMN E . -0.28 -6.43 -15.62
O3' FMN E . -1.64 -6.70 -16.08
C4' FMN E . 0.58 -7.62 -16.13
O4' FMN E . 0.79 -7.46 -17.52
C5' FMN E . -0.08 -8.99 -15.82
O5' FMN E . 0.85 -9.98 -16.33
P FMN E . 0.38 -11.47 -16.39
O1P FMN E . 0.04 -11.94 -15.02
O2P FMN E . -0.88 -11.57 -17.29
O3P FMN E . 1.52 -12.31 -16.96
C ACT F . -4.33 -2.82 -10.97
O ACT F . -3.63 -2.23 -11.89
OXT ACT F . -4.97 -3.93 -11.09
CH3 ACT F . -4.45 -2.25 -9.61
#